data_9GBJ
#
_entry.id   9GBJ
#
_cell.length_a   87.185
_cell.length_b   40.452
_cell.length_c   55.746
_cell.angle_alpha   90
_cell.angle_beta   90
_cell.angle_gamma   90
#
_symmetry.space_group_name_H-M   'P 21 21 2'
#
loop_
_entity.id
_entity.type
_entity.pdbx_description
1 polymer 'GTPase KRas'
2 non-polymer "GUANOSINE-5'-DIPHOSPHATE"
3 non-polymer 1-[(3S)-1-[2-[5-[(4S)-2-azanyl-3-cyano-4-methyl-6,7-dihydro-5H-1-benzothiophen-4-yl]-1,2,4-oxadiazol-3-yl]-6-[(1S)-1-[(2S)-1-methylpyrrolidin-2-yl]ethoxy]pyrimidin-4-yl]pyrrolidin-3-yl]-3-[1-(methoxymethyl)cyclopropyl]urea
4 non-polymer 'MAGNESIUM ION'
5 water water
#
_entity_poly.entity_id   1
_entity_poly.type   'polypeptide(L)'
_entity_poly.pdbx_seq_one_letter_code
;GMTEYKLVVVGADGVGKSALTIQLIQNHFVDEYDPTIEDSYRKQVVIDGETCLLDILDTAGQEEYSAMRDQYMRTGEGFL
CVFAINNTKSFEDIHHYREQIKRVKDSEDVPMVLVGNKSDLPSRTVDTKQAQDLARSYGIPFIETSAKTRQGVDDAFYTL
VREIRKHKEK
;
_entity_poly.pdbx_strand_id   A
#
loop_
_chem_comp.id
_chem_comp.type
_chem_comp.name
_chem_comp.formula
A1IJ7 non-polymer 1-[(3S)-1-[2-[5-[(4S)-2-azanyl-3-cyano-4-methyl-6,7-dihydro-5H-1-benzothiophen-4-yl]-1,2,4-oxadiazol-3-yl]-6-[(1S)-1-[(2S)-1-methylpyrrolidin-2-yl]ethoxy]pyrimidin-4-yl]pyrrolidin-3-yl]-3-[1-(methoxymethyl)cyclopropyl]urea 'C33 H44 N10 O4 S'
GDP RNA linking GUANOSINE-5'-DIPHOSPHATE 'C10 H15 N5 O11 P2'
MG non-polymer 'MAGNESIUM ION' 'Mg 2'
#
# COMPACT_ATOMS: atom_id res chain seq x y z
N GLY A 1 11.18 18.11 15.73
CA GLY A 1 9.81 17.92 15.29
C GLY A 1 9.59 16.49 14.84
N MET A 2 8.38 15.98 15.00
CA MET A 2 8.05 14.64 14.57
C MET A 2 7.64 14.69 13.11
N THR A 3 8.35 13.95 12.25
CA THR A 3 8.02 13.92 10.83
C THR A 3 6.74 13.09 10.62
N GLU A 4 5.87 13.58 9.75
CA GLU A 4 4.65 12.86 9.36
C GLU A 4 4.86 12.37 7.94
N TYR A 5 4.53 11.09 7.70
CA TYR A 5 4.63 10.45 6.39
C TYR A 5 3.21 10.16 5.93
N LYS A 6 2.82 10.66 4.76
CA LYS A 6 1.49 10.43 4.19
C LYS A 6 1.58 9.23 3.25
N LEU A 7 0.96 8.13 3.65
CA LEU A 7 1.01 6.87 2.91
C LEU A 7 -0.35 6.56 2.36
N VAL A 8 -0.43 6.08 1.11
CA VAL A 8 -1.71 5.77 0.49
C VAL A 8 -1.70 4.31 0.10
N VAL A 9 -2.77 3.59 0.42
CA VAL A 9 -2.91 2.17 0.12
C VAL A 9 -3.89 2.04 -1.04
N VAL A 10 -3.42 1.49 -2.15
CA VAL A 10 -4.18 1.36 -3.38
C VAL A 10 -4.18 -0.09 -3.88
N GLY A 11 -5.11 -0.41 -4.76
CA GLY A 11 -5.26 -1.73 -5.33
C GLY A 11 -6.72 -2.05 -5.59
N ALA A 12 -6.94 -3.19 -6.25
CA ALA A 12 -8.27 -3.61 -6.62
C ALA A 12 -9.16 -3.86 -5.42
N ASP A 13 -10.48 -3.80 -5.62
CA ASP A 13 -11.46 -4.11 -4.57
C ASP A 13 -11.21 -5.45 -3.96
N GLY A 14 -11.33 -5.56 -2.65
CA GLY A 14 -11.25 -6.86 -1.98
C GLY A 14 -9.88 -7.45 -1.75
N VAL A 15 -8.81 -6.70 -2.06
CA VAL A 15 -7.43 -7.24 -1.89
C VAL A 15 -6.97 -7.22 -0.44
N GLY A 16 -7.60 -6.43 0.43
CA GLY A 16 -7.25 -6.30 1.83
C GLY A 16 -6.60 -4.99 2.22
N LYS A 17 -6.86 -3.90 1.47
CA LYS A 17 -6.31 -2.58 1.80
C LYS A 17 -6.81 -2.16 3.19
N SER A 18 -8.11 -2.32 3.46
CA SER A 18 -8.66 -1.94 4.76
C SER A 18 -8.12 -2.83 5.88
N ALA A 19 -8.10 -4.16 5.66
CA ALA A 19 -7.62 -5.08 6.69
C ALA A 19 -6.14 -4.82 7.02
N LEU A 20 -5.32 -4.48 6.02
CA LEU A 20 -3.91 -4.15 6.28
C LEU A 20 -3.79 -2.87 7.08
N THR A 21 -4.54 -1.84 6.70
CA THR A 21 -4.51 -0.55 7.37
C THR A 21 -4.94 -0.69 8.81
N ILE A 22 -6.04 -1.44 9.05
CA ILE A 22 -6.60 -1.63 10.40
C ILE A 22 -5.66 -2.50 11.25
N GLN A 23 -4.90 -3.45 10.66
CA GLN A 23 -3.90 -4.21 11.42
C GLN A 23 -2.82 -3.25 11.91
N LEU A 24 -2.36 -2.35 11.03
CA LEU A 24 -1.37 -1.36 11.46
C LEU A 24 -1.92 -0.43 12.55
N ILE A 25 -3.14 0.06 12.39
CA ILE A 25 -3.74 1.01 13.32
C ILE A 25 -4.20 0.37 14.65
N GLN A 26 -5.04 -0.69 14.58
CA GLN A 26 -5.65 -1.34 15.75
C GLN A 26 -4.85 -2.51 16.32
N ASN A 27 -3.93 -3.10 15.55
CA ASN A 27 -3.25 -4.34 15.92
C ASN A 27 -4.30 -5.48 16.08
N HIS A 28 -5.28 -5.49 15.17
CA HIS A 28 -6.36 -6.46 15.18
C HIS A 28 -6.80 -6.74 13.73
N PHE A 29 -7.15 -7.99 13.42
CA PHE A 29 -7.63 -8.36 12.10
C PHE A 29 -9.13 -8.09 12.04
N VAL A 30 -9.53 -7.32 11.05
CA VAL A 30 -10.92 -7.00 10.82
C VAL A 30 -11.25 -7.60 9.47
N ASP A 31 -11.99 -8.71 9.49
CA ASP A 31 -12.40 -9.42 8.29
C ASP A 31 -13.55 -8.77 7.52
N GLU A 32 -14.17 -7.75 8.09
CA GLU A 32 -15.32 -7.12 7.49
C GLU A 32 -15.21 -5.63 7.73
N TYR A 33 -14.98 -4.89 6.67
CA TYR A 33 -14.92 -3.43 6.75
C TYR A 33 -15.58 -2.92 5.49
N ASP A 34 -16.61 -2.07 5.63
CA ASP A 34 -17.45 -1.54 4.53
C ASP A 34 -16.58 -1.18 3.32
N PRO A 35 -16.72 -1.92 2.18
CA PRO A 35 -15.80 -1.67 1.05
C PRO A 35 -15.84 -0.29 0.44
N THR A 36 -16.83 0.54 0.81
CA THR A 36 -16.96 1.90 0.29
C THR A 36 -16.34 2.95 1.18
N ILE A 37 -15.92 2.61 2.42
CA ILE A 37 -15.34 3.61 3.31
C ILE A 37 -13.91 3.89 2.90
N GLU A 38 -13.67 5.15 2.48
CA GLU A 38 -12.36 5.66 2.14
C GLU A 38 -12.06 6.66 3.22
N ASP A 39 -11.00 6.44 3.99
CA ASP A 39 -10.67 7.33 5.08
C ASP A 39 -9.18 7.27 5.41
N SER A 40 -8.72 8.19 6.26
CA SER A 40 -7.33 8.31 6.70
C SER A 40 -7.26 8.10 8.20
N TYR A 41 -6.18 7.45 8.63
CA TYR A 41 -5.97 7.03 10.00
C TYR A 41 -4.51 7.31 10.36
N ARG A 42 -4.29 7.90 11.53
CA ARG A 42 -2.94 8.22 11.97
C ARG A 42 -2.49 7.29 13.08
N LYS A 43 -1.19 7.05 13.14
CA LYS A 43 -0.56 6.25 14.16
C LYS A 43 0.86 6.72 14.36
N GLN A 44 1.27 6.88 15.62
CA GLN A 44 2.64 7.21 15.95
C GLN A 44 3.39 5.87 16.08
N VAL A 45 4.53 5.75 15.40
CA VAL A 45 5.34 4.52 15.41
C VAL A 45 6.83 4.83 15.50
N VAL A 46 7.64 3.82 15.91
CA VAL A 46 9.07 3.94 15.94
C VAL A 46 9.63 3.12 14.78
N ILE A 47 10.36 3.74 13.85
CA ILE A 47 10.95 3.07 12.69
C ILE A 47 12.41 3.41 12.71
N ASP A 48 13.28 2.39 12.89
CA ASP A 48 14.74 2.60 13.00
C ASP A 48 15.07 3.65 14.09
N GLY A 49 14.44 3.51 15.26
CA GLY A 49 14.66 4.42 16.39
C GLY A 49 14.03 5.80 16.30
N GLU A 50 13.51 6.20 15.11
CA GLU A 50 12.91 7.52 14.96
C GLU A 50 11.40 7.42 15.15
N THR A 51 10.87 8.23 16.08
CA THR A 51 9.44 8.28 16.31
C THR A 51 8.85 9.16 15.22
N CYS A 52 7.87 8.63 14.47
CA CYS A 52 7.24 9.39 13.40
C CYS A 52 5.75 9.14 13.37
N LEU A 53 5.02 10.01 12.67
CA LEU A 53 3.59 9.95 12.60
C LEU A 53 3.18 9.46 11.22
N LEU A 54 2.48 8.34 11.15
CA LEU A 54 1.99 7.82 9.88
C LEU A 54 0.57 8.30 9.67
N ASP A 55 0.26 8.78 8.47
CA ASP A 55 -1.09 9.18 8.09
C ASP A 55 -1.40 8.32 6.89
N ILE A 56 -2.25 7.30 7.07
CA ILE A 56 -2.53 6.32 6.04
C ILE A 56 -3.91 6.53 5.45
N LEU A 57 -3.96 6.73 4.12
CA LEU A 57 -5.19 6.86 3.38
C LEU A 57 -5.51 5.47 2.81
N ASP A 58 -6.60 4.93 3.28
CA ASP A 58 -7.10 3.65 2.83
C ASP A 58 -8.14 3.95 1.73
N THR A 59 -7.78 3.70 0.45
CA THR A 59 -8.62 4.07 -0.67
C THR A 59 -9.80 3.12 -0.88
N ALA A 60 -10.94 3.68 -1.29
CA ALA A 60 -12.15 2.89 -1.58
C ALA A 60 -13.16 3.53 -2.57
N GLY A 61 -13.04 4.82 -2.85
CA GLY A 61 -13.99 5.49 -3.74
C GLY A 61 -14.02 4.95 -5.16
N GLN A 62 -15.05 5.36 -5.87
CA GLN A 62 -15.32 5.01 -7.26
C GLN A 62 -14.13 5.43 -8.14
N GLU A 63 -13.82 4.68 -9.20
CA GLU A 63 -12.75 5.08 -10.12
C GLU A 63 -13.12 6.43 -10.78
N GLU A 64 -12.29 7.47 -10.60
CA GLU A 64 -12.61 8.80 -11.09
C GLU A 64 -11.33 9.58 -11.34
N TYR A 65 -11.12 9.99 -12.58
CA TYR A 65 -9.95 10.76 -12.97
C TYR A 65 -10.37 12.21 -13.17
N SER A 66 -10.53 12.90 -12.06
CA SER A 66 -10.95 14.30 -12.01
C SER A 66 -9.86 15.07 -11.30
N ALA A 67 -9.90 16.41 -11.41
CA ALA A 67 -8.95 17.26 -10.72
C ALA A 67 -9.02 17.03 -9.19
N MET A 68 -10.23 16.90 -8.65
CA MET A 68 -10.41 16.65 -7.22
C MET A 68 -9.79 15.32 -6.74
N ARG A 69 -10.04 14.20 -7.45
CA ARG A 69 -9.50 12.92 -6.99
C ARG A 69 -7.99 12.89 -7.17
N ASP A 70 -7.45 13.45 -8.29
CA ASP A 70 -6.02 13.52 -8.53
C ASP A 70 -5.32 14.28 -7.42
N GLN A 71 -5.88 15.41 -7.01
CA GLN A 71 -5.28 16.21 -5.95
C GLN A 71 -5.24 15.46 -4.62
N TYR A 72 -6.31 14.73 -4.27
CA TYR A 72 -6.33 13.97 -3.02
C TYR A 72 -5.28 12.86 -3.02
N MET A 73 -5.13 12.17 -4.15
CA MET A 73 -4.11 11.10 -4.27
C MET A 73 -2.70 11.70 -4.27
N ARG A 74 -2.53 12.89 -4.87
CA ARG A 74 -1.27 13.64 -4.93
C ARG A 74 -0.72 14.04 -3.53
N THR A 75 -1.58 14.08 -2.50
CA THR A 75 -1.09 14.37 -1.14
C THR A 75 -0.21 13.21 -0.62
N GLY A 76 -0.34 12.01 -1.19
CA GLY A 76 0.45 10.87 -0.78
C GLY A 76 1.92 11.04 -1.12
N GLU A 77 2.78 10.75 -0.16
CA GLU A 77 4.23 10.75 -0.33
C GLU A 77 4.76 9.40 -0.81
N GLY A 78 4.09 8.32 -0.39
CA GLY A 78 4.43 6.95 -0.75
C GLY A 78 3.17 6.12 -0.87
N PHE A 79 3.23 5.07 -1.71
CA PHE A 79 2.09 4.25 -2.01
C PHE A 79 2.34 2.76 -1.88
N LEU A 80 1.39 2.04 -1.28
CA LEU A 80 1.43 0.59 -1.25
C LEU A 80 0.51 0.17 -2.40
N CYS A 81 1.03 -0.63 -3.32
CA CYS A 81 0.24 -1.16 -4.43
C CYS A 81 -0.07 -2.59 -4.07
N VAL A 82 -1.31 -2.84 -3.63
CA VAL A 82 -1.72 -4.14 -3.10
C VAL A 82 -2.47 -5.00 -4.11
N PHE A 83 -2.09 -6.27 -4.19
CA PHE A 83 -2.84 -7.32 -4.89
C PHE A 83 -3.03 -8.51 -3.89
N ALA A 84 -3.93 -9.44 -4.20
CA ALA A 84 -4.11 -10.64 -3.40
C ALA A 84 -3.52 -11.82 -4.16
N ILE A 85 -2.75 -12.64 -3.46
CA ILE A 85 -2.03 -13.76 -4.09
C ILE A 85 -2.95 -14.84 -4.68
N ASN A 86 -4.26 -14.79 -4.37
CA ASN A 86 -5.24 -15.73 -4.94
C ASN A 86 -6.18 -15.03 -5.96
N ASN A 87 -5.81 -13.85 -6.48
CA ASN A 87 -6.63 -13.11 -7.40
C ASN A 87 -5.72 -12.56 -8.50
N THR A 88 -5.58 -13.33 -9.58
CA THR A 88 -4.76 -12.94 -10.73
C THR A 88 -5.16 -11.55 -11.28
N LYS A 89 -6.47 -11.24 -11.38
CA LYS A 89 -6.91 -9.94 -11.91
C LYS A 89 -6.34 -8.77 -11.09
N SER A 90 -6.27 -8.90 -9.74
CA SER A 90 -5.71 -7.83 -8.91
C SER A 90 -4.23 -7.62 -9.19
N PHE A 91 -3.49 -8.71 -9.47
CA PHE A 91 -2.07 -8.64 -9.81
C PHE A 91 -1.88 -7.97 -11.18
N GLU A 92 -2.72 -8.36 -12.16
CA GLU A 92 -2.72 -7.80 -13.52
C GLU A 92 -3.13 -6.31 -13.57
N ASP A 93 -3.89 -5.81 -12.57
CA ASP A 93 -4.23 -4.39 -12.49
C ASP A 93 -3.08 -3.53 -11.95
N ILE A 94 -2.09 -4.12 -11.24
CA ILE A 94 -1.02 -3.34 -10.59
C ILE A 94 -0.39 -2.25 -11.46
N HIS A 95 -0.04 -2.58 -12.69
CA HIS A 95 0.60 -1.61 -13.60
C HIS A 95 -0.26 -0.36 -13.80
N HIS A 96 -1.61 -0.52 -13.82
CA HIS A 96 -2.50 0.63 -13.93
C HIS A 96 -2.36 1.56 -12.70
N TYR A 97 -2.36 0.99 -11.48
CA TYR A 97 -2.22 1.79 -10.27
C TYR A 97 -0.89 2.54 -10.25
N ARG A 98 0.22 1.85 -10.62
CA ARG A 98 1.53 2.48 -10.67
C ARG A 98 1.53 3.65 -11.68
N GLU A 99 0.98 3.42 -12.87
CA GLU A 99 0.91 4.46 -13.90
C GLU A 99 0.13 5.69 -13.41
N GLN A 100 -0.99 5.47 -12.70
CA GLN A 100 -1.79 6.59 -12.18
C GLN A 100 -1.06 7.35 -11.10
N ILE A 101 -0.30 6.64 -10.26
CA ILE A 101 0.50 7.27 -9.21
C ILE A 101 1.58 8.16 -9.86
N LYS A 102 2.34 7.61 -10.81
CA LYS A 102 3.41 8.37 -11.48
C LYS A 102 2.85 9.63 -12.15
N ARG A 103 1.69 9.51 -12.80
CA ARG A 103 1.00 10.61 -13.46
C ARG A 103 0.62 11.73 -12.47
N VAL A 104 -0.09 11.40 -11.37
CA VAL A 104 -0.51 12.44 -10.40
C VAL A 104 0.66 13.05 -9.66
N LYS A 105 1.72 12.28 -9.43
CA LYS A 105 2.91 12.82 -8.78
C LYS A 105 3.86 13.50 -9.78
N ASP A 106 3.58 13.42 -11.10
CA ASP A 106 4.42 13.97 -12.19
C ASP A 106 5.88 13.61 -11.97
N SER A 107 6.10 12.34 -11.65
CA SER A 107 7.42 11.87 -11.31
C SER A 107 7.59 10.44 -11.74
N GLU A 108 8.79 10.14 -12.24
CA GLU A 108 9.15 8.77 -12.58
C GLU A 108 9.66 8.01 -11.33
N ASP A 109 9.90 8.70 -10.20
CA ASP A 109 10.44 8.11 -9.00
C ASP A 109 9.54 8.42 -7.80
N VAL A 110 8.44 7.68 -7.66
CA VAL A 110 7.55 7.87 -6.51
C VAL A 110 7.82 6.73 -5.53
N PRO A 111 8.12 6.99 -4.23
CA PRO A 111 8.23 5.89 -3.26
C PRO A 111 7.03 4.93 -3.30
N MET A 112 7.31 3.65 -3.51
CA MET A 112 6.28 2.66 -3.74
C MET A 112 6.75 1.30 -3.29
N VAL A 113 5.80 0.47 -2.79
CA VAL A 113 6.09 -0.90 -2.40
C VAL A 113 5.00 -1.80 -3.00
N LEU A 114 5.39 -2.92 -3.62
CA LEU A 114 4.43 -3.89 -4.13
C LEU A 114 4.09 -4.85 -2.95
N VAL A 115 2.81 -5.06 -2.70
CA VAL A 115 2.33 -5.88 -1.59
C VAL A 115 1.47 -7.03 -2.11
N GLY A 116 1.91 -8.26 -1.83
CA GLY A 116 1.18 -9.49 -2.11
C GLY A 116 0.49 -9.93 -0.83
N ASN A 117 -0.80 -9.55 -0.69
CA ASN A 117 -1.59 -9.85 0.48
C ASN A 117 -2.34 -11.21 0.45
N LYS A 118 -2.91 -11.64 1.59
CA LYS A 118 -3.61 -12.93 1.79
C LYS A 118 -2.63 -14.11 1.69
N SER A 119 -1.38 -13.90 2.14
CA SER A 119 -0.32 -14.92 2.14
C SER A 119 -0.61 -16.12 3.07
N ASP A 120 -1.59 -15.98 3.97
CA ASP A 120 -2.05 -17.07 4.82
C ASP A 120 -2.87 -18.11 4.05
N LEU A 121 -3.41 -17.76 2.86
CA LEU A 121 -4.32 -18.66 2.16
C LEU A 121 -3.63 -19.71 1.33
N PRO A 122 -4.23 -20.91 1.17
CA PRO A 122 -3.59 -21.94 0.35
C PRO A 122 -3.88 -21.93 -1.16
N SER A 123 -4.94 -21.24 -1.63
CA SER A 123 -5.29 -21.28 -3.06
C SER A 123 -4.61 -20.15 -3.86
N ARG A 124 -3.29 -20.14 -3.81
CA ARG A 124 -2.47 -19.16 -4.52
C ARG A 124 -2.60 -19.34 -6.03
N THR A 125 -2.77 -18.22 -6.74
CA THR A 125 -2.81 -18.21 -8.21
C THR A 125 -1.68 -17.35 -8.80
N VAL A 126 -0.99 -16.53 -7.99
CA VAL A 126 0.12 -15.72 -8.45
C VAL A 126 1.36 -16.26 -7.77
N ASP A 127 2.35 -16.73 -8.54
CA ASP A 127 3.59 -17.23 -7.95
C ASP A 127 4.37 -16.09 -7.31
N THR A 128 5.11 -16.38 -6.22
CA THR A 128 5.96 -15.40 -5.58
C THR A 128 7.05 -14.91 -6.55
N LYS A 129 7.57 -15.78 -7.40
CA LYS A 129 8.58 -15.39 -8.37
C LYS A 129 8.05 -14.34 -9.35
N GLN A 130 6.80 -14.48 -9.85
CA GLN A 130 6.24 -13.51 -10.76
C GLN A 130 6.08 -12.15 -10.06
N ALA A 131 5.61 -12.15 -8.80
CA ALA A 131 5.48 -10.92 -8.02
C ALA A 131 6.83 -10.27 -7.73
N GLN A 132 7.86 -11.06 -7.33
CA GLN A 132 9.22 -10.54 -7.12
C GLN A 132 9.76 -9.91 -8.41
N ASP A 133 9.53 -10.58 -9.53
CA ASP A 133 9.97 -10.10 -10.83
C ASP A 133 9.25 -8.82 -11.25
N LEU A 134 7.96 -8.65 -10.92
CA LEU A 134 7.25 -7.40 -11.26
C LEU A 134 7.89 -6.24 -10.50
N ALA A 135 8.13 -6.46 -9.19
CA ALA A 135 8.79 -5.46 -8.36
C ALA A 135 10.19 -5.14 -8.89
N ARG A 136 10.93 -6.17 -9.33
CA ARG A 136 12.26 -6.00 -9.93
C ARG A 136 12.15 -5.15 -11.22
N SER A 137 11.13 -5.43 -12.06
CA SER A 137 10.91 -4.65 -13.30
C SER A 137 10.77 -3.16 -13.00
N TYR A 138 10.07 -2.81 -11.90
CA TYR A 138 9.88 -1.41 -11.50
C TYR A 138 11.01 -0.84 -10.67
N GLY A 139 11.86 -1.67 -10.07
CA GLY A 139 12.93 -1.19 -9.21
C GLY A 139 12.39 -0.82 -7.85
N ILE A 140 11.37 -1.55 -7.37
CA ILE A 140 10.75 -1.29 -6.08
C ILE A 140 10.79 -2.53 -5.19
N PRO A 141 10.63 -2.38 -3.86
CA PRO A 141 10.58 -3.59 -3.02
C PRO A 141 9.22 -4.31 -3.09
N PHE A 142 9.25 -5.59 -2.76
CA PHE A 142 8.09 -6.48 -2.73
C PHE A 142 8.00 -7.05 -1.32
N ILE A 143 6.79 -7.04 -0.74
CA ILE A 143 6.55 -7.56 0.61
C ILE A 143 5.31 -8.47 0.59
N GLU A 144 5.47 -9.68 1.15
CA GLU A 144 4.40 -10.66 1.27
C GLU A 144 3.73 -10.42 2.61
N THR A 145 2.42 -10.15 2.60
CA THR A 145 1.65 -9.84 3.81
C THR A 145 0.45 -10.77 4.01
N SER A 146 -0.05 -10.78 5.24
CA SER A 146 -1.31 -11.33 5.61
C SER A 146 -1.90 -10.41 6.66
N ALA A 147 -2.99 -9.72 6.34
CA ALA A 147 -3.70 -8.91 7.34
C ALA A 147 -4.34 -9.82 8.41
N LYS A 148 -4.62 -11.12 8.09
CA LYS A 148 -5.18 -12.04 9.05
C LYS A 148 -4.18 -12.36 10.17
N THR A 149 -2.95 -12.72 9.81
CA THR A 149 -1.95 -13.12 10.79
C THR A 149 -0.99 -12.02 11.24
N ARG A 150 -1.00 -10.86 10.56
CA ARG A 150 -0.09 -9.72 10.74
C ARG A 150 1.26 -9.88 10.04
N GLN A 151 1.48 -10.99 9.29
CA GLN A 151 2.67 -11.21 8.48
C GLN A 151 2.92 -10.01 7.56
N GLY A 152 4.14 -9.49 7.60
CA GLY A 152 4.58 -8.40 6.75
C GLY A 152 3.97 -7.03 6.88
N VAL A 153 3.06 -6.79 7.85
CA VAL A 153 2.36 -5.50 7.93
C VAL A 153 3.32 -4.34 8.23
N ASP A 154 4.11 -4.46 9.30
CA ASP A 154 5.11 -3.45 9.63
C ASP A 154 6.15 -3.37 8.51
N ASP A 155 6.57 -4.51 7.94
CA ASP A 155 7.51 -4.53 6.83
C ASP A 155 7.03 -3.67 5.67
N ALA A 156 5.76 -3.80 5.28
CA ALA A 156 5.22 -3.06 4.14
C ALA A 156 5.19 -1.56 4.40
N PHE A 157 4.61 -1.12 5.53
CA PHE A 157 4.49 0.29 5.84
C PHE A 157 5.85 0.92 6.17
N TYR A 158 6.68 0.23 6.96
CA TYR A 158 8.03 0.70 7.32
C TYR A 158 8.96 0.74 6.12
N THR A 159 8.89 -0.24 5.19
CA THR A 159 9.73 -0.17 3.97
C THR A 159 9.33 1.07 3.15
N LEU A 160 8.04 1.39 3.09
CA LEU A 160 7.58 2.53 2.35
C LEU A 160 8.11 3.84 2.94
N VAL A 161 8.11 3.96 4.29
CA VAL A 161 8.67 5.12 4.99
C VAL A 161 10.16 5.25 4.65
N ARG A 162 10.90 4.13 4.66
CA ARG A 162 12.33 4.13 4.31
C ARG A 162 12.53 4.60 2.86
N GLU A 163 11.66 4.17 1.94
CA GLU A 163 11.71 4.59 0.53
C GLU A 163 11.49 6.10 0.43
N ILE A 164 10.55 6.65 1.24
CA ILE A 164 10.24 8.08 1.29
C ILE A 164 11.46 8.83 1.76
N ARG A 165 12.09 8.33 2.86
CA ARG A 165 13.32 8.92 3.42
C ARG A 165 14.42 8.99 2.35
N LYS A 166 14.68 7.89 1.63
CA LYS A 166 15.69 7.87 0.57
C LYS A 166 15.37 8.92 -0.51
N HIS A 167 14.10 8.96 -0.97
CA HIS A 167 13.68 9.91 -1.99
C HIS A 167 13.87 11.36 -1.54
N LYS A 168 13.50 11.69 -0.29
CA LYS A 168 13.68 13.05 0.25
C LYS A 168 15.15 13.43 0.39
N GLU A 169 16.02 12.46 0.68
CA GLU A 169 17.45 12.70 0.86
C GLU A 169 18.16 12.67 -0.49
PB GDP B . -10.35 -3.80 0.42
O1B GDP B . -11.60 -3.71 -0.41
O2B GDP B . -10.31 -2.77 1.54
O3B GDP B . -9.08 -3.80 -0.40
O3A GDP B . -10.34 -5.18 1.23
PA GDP B . -10.90 -5.67 2.65
O1A GDP B . -9.96 -5.29 3.72
O2A GDP B . -12.29 -5.16 2.73
O5' GDP B . -10.81 -7.26 2.54
C5' GDP B . -11.59 -7.94 1.53
C4' GDP B . -11.84 -9.39 1.91
O4' GDP B . -10.57 -10.06 2.04
C3' GDP B . -12.59 -9.60 3.23
O3' GDP B . -13.53 -10.67 3.18
C2' GDP B . -11.44 -9.84 4.23
O2' GDP B . -11.75 -10.62 5.38
C1' GDP B . -10.43 -10.58 3.36
N9 GDP B . -9.03 -10.39 3.78
C8 GDP B . -8.31 -9.22 3.80
N7 GDP B . -7.04 -9.40 4.07
C5 GDP B . -6.91 -10.77 4.24
C6 GDP B . -5.76 -11.59 4.50
O6 GDP B . -4.59 -11.22 4.53
N1 GDP B . -6.08 -12.93 4.58
C2 GDP B . -7.34 -13.45 4.42
N2 GDP B . -7.46 -14.78 4.54
N3 GDP B . -8.41 -12.71 4.17
C4 GDP B . -8.13 -11.39 4.08
H5' GDP B . -10.95 -7.99 0.66
H5'' GDP B . -12.49 -7.41 1.20
H4' GDP B . -12.32 -9.86 1.06
H3' GDP B . -13.21 -8.74 3.49
HO3' GDP B . -13.04 -11.42 2.80
H2' GDP B . -11.01 -8.91 4.59
HO2' GDP B . -12.21 -11.39 5.01
H1' GDP B . -10.63 -11.64 3.29
H8 GDP B . -8.78 -8.27 3.61
HN1 GDP B . -5.30 -13.54 4.79
HN21 GDP B . -6.69 -15.42 4.76
HN22 GDP B . -8.39 -15.16 4.42
C4 A1IJ7 C . -7.59 -1.00 -13.37
C5 A1IJ7 C . -8.13 0.32 -16.29
C6 A1IJ7 C . -8.95 0.90 -17.40
C7 A1IJ7 C . -9.96 1.70 -16.65
C10 A1IJ7 C . -10.89 0.45 -10.92
N12 A1IJ7 C . -9.99 1.98 -9.33
C13 A1IJ7 C . -8.96 2.15 -10.18
C15 A1IJ7 C . -9.78 0.69 -11.70
C21 A1IJ7 C . -6.21 5.52 -7.81
C22 A1IJ7 C . -6.11 6.89 -8.50
C24 A1IJ7 C . -3.61 7.13 -8.05
C26 A1IJ7 C . -4.79 4.99 -7.46
C28 A1IJ7 C . -6.83 8.89 -9.53
O1 A1IJ7 C . -9.71 -0.02 -12.85
C2 A1IJ7 C . -8.57 0.09 -13.75
C3 A1IJ7 C . -9.13 -0.05 -15.18
N8 A1IJ7 C . -10.32 0.85 -15.47
C9 A1IJ7 C . -11.63 0.16 -15.61
C11 A1IJ7 C . -10.95 1.14 -9.69
N14 A1IJ7 C . -8.81 1.53 -11.36
C16 A1IJ7 C . -7.89 3.11 -9.84
N17 A1IJ7 C . -7.89 3.86 -8.67
C18 A1IJ7 C . -6.81 4.53 -8.80
O19 A1IJ7 C . -6.12 4.31 -9.92
N20 A1IJ7 C . -6.87 3.33 -10.62
C23 A1IJ7 C . -4.95 7.59 -8.55
C25 A1IJ7 C . -3.81 6.06 -6.99
S27 A1IJ7 C . -5.14 9.16 -9.28
C29 A1IJ7 C . -7.21 7.63 -9.07
C30 A1IJ7 C . -8.56 7.16 -9.19
N31 A1IJ7 C . -7.60 9.85 -10.05
C32 A1IJ7 C . -7.07 5.59 -6.53
N33 A1IJ7 C . -9.64 6.79 -9.32
N34 A1IJ7 C . -11.99 0.95 -8.81
C35 A1IJ7 C . -14.10 0.25 -7.90
C36 A1IJ7 C . -13.55 1.47 -7.16
C37 A1IJ7 C . -12.08 1.58 -7.51
C38 A1IJ7 C . -13.11 0.02 -9.05
N39 A1IJ7 C . -14.31 -0.89 -7.01
C40 A1IJ7 C . -14.81 -2.07 -7.43
N41 A1IJ7 C . -14.91 -3.04 -6.45
C42 A1IJ7 C . -15.85 -4.20 -6.58
C43 A1IJ7 C . -15.78 -5.26 -5.52
O44 A1IJ7 C . -16.93 -6.09 -5.57
C45 A1IJ7 C . -16.69 -7.41 -5.06
C46 A1IJ7 C . -17.20 -3.90 -7.17
C47 A1IJ7 C . -16.17 -4.66 -7.97
O48 A1IJ7 C . -15.12 -2.28 -8.61
H4C A1IJ7 C . -7.29 -0.91 -12.33
H4A A1IJ7 C . -6.71 -1.00 -14.00
H4B A1IJ7 C . -8.07 -1.98 -13.45
H5A A1IJ7 C . -7.61 -0.57 -16.67
H5B A1IJ7 C . -7.37 1.03 -15.95
H6A A1IJ7 C . -9.42 0.15 -18.04
H6B A1IJ7 C . -8.33 1.56 -18.02
H7A A1IJ7 C . -10.84 1.96 -17.24
H7B A1IJ7 C . -9.51 2.62 -16.24
H10 A1IJ7 C . -11.66 -0.22 -11.28
H24A A1IJ7 C . -3.03 7.95 -7.63
H24B A1IJ7 C . -3.03 6.71 -8.89
H26A A1IJ7 C . -4.32 4.48 -8.31
H26B A1IJ7 C . -4.87 4.23 -6.68
H2 A1IJ7 C . -8.04 1.05 -13.73
H3 A1IJ7 C . -9.44 -1.09 -15.36
H9C A1IJ7 C . -11.71 -0.25 -16.63
H9A A1IJ7 C . -12.43 0.87 -15.42
H9B A1IJ7 C . -11.67 -0.65 -14.87
H25A A1IJ7 C . -4.16 6.51 -6.06
H25B A1IJ7 C . -2.85 5.59 -6.77
H31A A1IJ7 C . -7.25 10.76 -10.37
H31B A1IJ7 C . -8.61 9.73 -10.13
H32C A1IJ7 C . -8.10 5.90 -6.75
H32A A1IJ7 C . -6.66 6.30 -5.82
H32B A1IJ7 C . -7.14 4.61 -6.04
H35 A1IJ7 C . -15.06 0.53 -8.34
H36A A1IJ7 C . -13.72 1.45 -6.08
H36B A1IJ7 C . -14.03 2.35 -7.56
H37A A1IJ7 C . -11.79 2.63 -7.51
H37B A1IJ7 C . -11.48 1.04 -6.77
H38A A1IJ7 C . -12.78 -1.02 -9.07
H38B A1IJ7 C . -13.59 0.24 -10.00
H39 A1IJ7 C . -14.15 -0.74 -6.01
H43A A1IJ7 C . -15.73 -4.79 -4.53
H43B A1IJ7 C . -14.89 -5.85 -5.68
H45A A1IJ7 C . -17.63 -7.97 -4.96
H45B A1IJ7 C . -16.19 -7.36 -4.09
H45C A1IJ7 C . -16.05 -7.94 -5.76
H46A A1IJ7 C . -17.43 -2.89 -7.48
H46B A1IJ7 C . -18.07 -4.43 -6.82
H47A A1IJ7 C . -16.36 -5.71 -8.13
H47B A1IJ7 C . -15.72 -4.17 -8.82
H8 A1IJ7 C . -10.42 1.51 -14.68
MG MG D . -11.66 -1.21 2.02
#